data_4Y1W
#
_entry.id   4Y1W
#
_cell.length_a   48.500
_cell.length_b   51.800
_cell.length_c   102.800
_cell.angle_alpha   90.00
_cell.angle_beta   90.00
_cell.angle_gamma   90.00
#
_symmetry.space_group_name_H-M   'P 21 21 21'
#
loop_
_entity.id
_entity.type
_entity.pdbx_description
1 polymer 'NAD(+)--arginine ADP-ribosyltransferase Vis'
2 water water
#
_entity_poly.entity_id   1
_entity_poly.type   'polypeptide(L)'
_entity_poly.pdbx_seq_one_letter_code
;MHHHHHHSSGRENLYFQGPFDAIKQPNRSEEEVTQLAEDFKDWSKASNGWRYSFITANEKEAVEDFSISGYQTANDYLRA
TDTSTWGVAGADARQYIRTVKSALNKLPKYKGTAYRGTWVKLSLLNKLEEGDVLVEPAFTSTSTLPEVAKRFSVVHPNSP
QRLKRVLFEVKINQGGHTIAGLSEYSKEAEVLFAPNAHFRITQIERTSNHTYIGVETVKASAVKNTQKYNLYSGEEVEA
;
_entity_poly.pdbx_strand_id   A
#
# COMPACT_ATOMS: atom_id res chain seq x y z
N PRO A 19 -6.07 7.64 19.82
CA PRO A 19 -5.26 7.46 18.62
C PRO A 19 -5.09 6.00 18.24
N PHE A 20 -5.30 5.68 16.96
CA PHE A 20 -5.11 4.32 16.46
C PHE A 20 -6.09 3.33 17.07
N ASP A 21 -7.23 3.87 17.51
CA ASP A 21 -8.23 3.07 18.17
C ASP A 21 -8.66 1.85 17.31
N ALA A 22 -8.82 2.06 16.02
CA ALA A 22 -9.28 1.00 15.14
C ALA A 22 -8.32 -0.18 15.09
N ILE A 23 -7.03 0.09 15.24
CA ILE A 23 -6.01 -0.96 15.23
C ILE A 23 -5.93 -1.68 16.58
N LYS A 24 -6.19 -0.94 17.65
CA LYS A 24 -6.00 -1.45 19.01
C LYS A 24 -7.10 -2.39 19.44
N GLN A 25 -8.24 -2.32 18.79
CA GLN A 25 -9.36 -3.13 19.28
C GLN A 25 -9.29 -4.55 18.76
N PRO A 26 -10.05 -5.45 19.41
CA PRO A 26 -9.97 -6.83 18.94
C PRO A 26 -10.52 -6.99 17.54
N ASN A 27 -9.99 -7.95 16.80
CA ASN A 27 -10.53 -8.25 15.50
C ASN A 27 -12.01 -8.62 15.56
N ARG A 28 -12.75 -8.17 14.55
CA ARG A 28 -14.14 -8.60 14.39
C ARG A 28 -14.17 -10.06 13.91
N SER A 29 -15.35 -10.67 13.94
CA SER A 29 -15.49 -12.06 13.51
C SER A 29 -15.26 -12.20 12.00
N GLU A 30 -14.95 -13.43 11.57
CA GLU A 30 -14.83 -13.74 10.15
C GLU A 30 -16.10 -13.37 9.42
N GLU A 31 -17.27 -13.64 10.01
CA GLU A 31 -18.53 -13.37 9.31
C GLU A 31 -18.69 -11.88 9.10
N GLU A 32 -18.34 -11.07 10.10
CA GLU A 32 -18.47 -9.63 9.97
C GLU A 32 -17.48 -9.06 8.97
N VAL A 33 -16.23 -9.50 9.05
CA VAL A 33 -15.20 -9.04 8.13
C VAL A 33 -15.59 -9.39 6.70
N THR A 34 -16.06 -10.62 6.47
CA THR A 34 -16.49 -11.06 5.16
C THR A 34 -17.64 -10.22 4.62
N GLN A 35 -18.61 -9.89 5.48
CA GLN A 35 -19.72 -9.05 5.05
C GLN A 35 -19.23 -7.65 4.67
N LEU A 36 -18.38 -7.08 5.51
CA LEU A 36 -17.82 -5.75 5.23
C LEU A 36 -17.05 -5.77 3.91
N ALA A 37 -16.32 -6.84 3.63
CA ALA A 37 -15.60 -6.94 2.37
C ALA A 37 -16.57 -7.04 1.18
N GLU A 38 -17.66 -7.77 1.34
CA GLU A 38 -18.67 -7.88 0.30
C GLU A 38 -19.33 -6.54 0.04
N ASP A 39 -19.65 -5.83 1.12
CA ASP A 39 -20.24 -4.49 1.00
C ASP A 39 -19.30 -3.56 0.23
N PHE A 40 -17.99 -3.66 0.49
CA PHE A 40 -17.02 -2.82 -0.16
C PHE A 40 -16.88 -3.16 -1.65
N LYS A 41 -16.91 -4.46 -1.96
CA LYS A 41 -16.89 -4.89 -3.34
C LYS A 41 -18.12 -4.34 -4.09
N ASP A 42 -19.28 -4.41 -3.44
CA ASP A 42 -20.51 -3.91 -4.05
C ASP A 42 -20.44 -2.40 -4.29
N TRP A 43 -19.96 -1.67 -3.28
CA TRP A 43 -19.78 -0.22 -3.42
C TRP A 43 -18.82 0.09 -4.57
N SER A 44 -17.77 -0.71 -4.68
CA SER A 44 -16.76 -0.46 -5.69
C SER A 44 -17.30 -0.61 -7.09
N LYS A 45 -18.06 -1.68 -7.31
CA LYS A 45 -18.74 -1.92 -8.60
C LYS A 45 -19.76 -0.83 -8.92
N ALA A 46 -20.50 -0.41 -7.92
CA ALA A 46 -21.51 0.64 -8.12
C ALA A 46 -20.90 2.00 -8.43
N SER A 47 -19.61 2.17 -8.16
CA SER A 47 -18.98 3.47 -8.25
C SER A 47 -18.16 3.66 -9.53
N ASN A 48 -18.17 2.67 -10.43
CA ASN A 48 -17.44 2.81 -11.69
C ASN A 48 -17.95 4.03 -12.44
N GLY A 49 -17.02 4.79 -13.04
CA GLY A 49 -17.37 6.01 -13.75
C GLY A 49 -17.14 5.85 -15.23
N TRP A 50 -17.24 6.96 -15.97
CA TRP A 50 -17.09 6.89 -17.41
C TRP A 50 -15.73 6.33 -17.84
N ARG A 51 -14.71 6.49 -17.01
CA ARG A 51 -13.39 6.01 -17.38
C ARG A 51 -13.35 4.48 -17.40
N TYR A 52 -14.22 3.86 -16.61
CA TYR A 52 -14.28 2.40 -16.53
C TYR A 52 -14.60 1.77 -17.89
N SER A 53 -15.34 2.51 -18.71
CA SER A 53 -15.72 2.05 -20.04
C SER A 53 -14.52 1.73 -20.92
N PHE A 54 -13.40 2.39 -20.63
CA PHE A 54 -12.20 2.31 -21.46
C PHE A 54 -11.20 1.31 -20.94
N ILE A 55 -11.55 0.58 -19.89
CA ILE A 55 -10.67 -0.46 -19.38
C ILE A 55 -10.61 -1.61 -20.38
N THR A 56 -9.41 -2.09 -20.63
CA THR A 56 -9.20 -3.17 -21.62
C THR A 56 -9.20 -4.53 -20.95
N ALA A 57 -9.31 -5.58 -21.78
CA ALA A 57 -9.37 -6.94 -21.27
C ALA A 57 -8.07 -7.28 -20.56
N ASN A 58 -6.96 -6.85 -21.13
CA ASN A 58 -5.65 -7.06 -20.51
C ASN A 58 -5.52 -6.32 -19.19
N GLU A 59 -6.10 -5.13 -19.11
CA GLU A 59 -6.06 -4.37 -17.87
C GLU A 59 -6.85 -5.05 -16.77
N LYS A 60 -8.05 -5.53 -17.09
CA LYS A 60 -8.89 -6.23 -16.13
C LYS A 60 -8.16 -7.46 -15.59
N GLU A 61 -7.61 -8.22 -16.53
CA GLU A 61 -6.87 -9.44 -16.21
C GLU A 61 -5.66 -9.15 -15.32
N ALA A 62 -4.92 -8.09 -15.65
CA ALA A 62 -3.75 -7.72 -14.86
C ALA A 62 -4.13 -7.38 -13.41
N VAL A 63 -5.20 -6.62 -13.23
CA VAL A 63 -5.61 -6.28 -11.87
C VAL A 63 -6.11 -7.52 -11.13
N GLU A 64 -6.86 -8.37 -11.81
CA GLU A 64 -7.35 -9.60 -11.22
C GLU A 64 -6.19 -10.47 -10.73
N ASP A 65 -5.10 -10.49 -11.47
CA ASP A 65 -3.92 -11.29 -11.13
C ASP A 65 -3.05 -10.60 -10.07
N PHE A 66 -3.24 -9.31 -9.85
CA PHE A 66 -2.34 -8.54 -8.99
C PHE A 66 -2.26 -9.02 -7.57
N SER A 67 -3.42 -9.16 -6.91
CA SER A 67 -3.47 -9.43 -5.48
C SER A 67 -2.97 -10.79 -5.19
N ILE A 68 -3.21 -11.68 -6.15
CA ILE A 68 -2.94 -13.07 -5.95
C ILE A 68 -1.43 -13.27 -6.10
N SER A 69 -0.90 -13.05 -7.29
CA SER A 69 0.51 -13.35 -7.54
C SER A 69 1.28 -12.18 -8.16
N GLY A 70 0.62 -11.38 -9.00
CA GLY A 70 1.29 -10.35 -9.76
C GLY A 70 2.12 -9.40 -8.93
N TYR A 71 1.62 -8.98 -7.77
CA TYR A 71 2.34 -8.01 -6.94
C TYR A 71 3.73 -8.47 -6.48
N GLN A 72 3.94 -9.76 -6.29
CA GLN A 72 5.20 -10.22 -5.73
C GLN A 72 6.36 -9.94 -6.68
N THR A 73 6.16 -10.23 -7.94
CA THR A 73 7.18 -9.97 -8.93
C THR A 73 7.27 -8.49 -9.27
N ALA A 74 6.11 -7.84 -9.43
CA ALA A 74 6.11 -6.41 -9.76
C ALA A 74 6.82 -5.62 -8.70
N ASN A 75 6.52 -5.87 -7.43
CA ASN A 75 7.14 -5.10 -6.36
C ASN A 75 8.63 -5.43 -6.21
N ASP A 76 9.02 -6.67 -6.45
CA ASP A 76 10.44 -7.01 -6.42
C ASP A 76 11.17 -6.27 -7.51
N TYR A 77 10.55 -6.16 -8.68
CA TYR A 77 11.16 -5.42 -9.79
C TYR A 77 11.34 -3.95 -9.37
N LEU A 78 10.30 -3.36 -8.80
CA LEU A 78 10.33 -1.94 -8.43
C LEU A 78 11.33 -1.63 -7.32
N ARG A 79 11.61 -2.60 -6.46
CA ARG A 79 12.57 -2.43 -5.37
C ARG A 79 14.01 -2.82 -5.74
N ALA A 80 14.19 -3.46 -6.89
CA ALA A 80 15.48 -4.05 -7.24
C ALA A 80 16.51 -3.00 -7.50
N THR A 81 17.71 -3.21 -6.97
CA THR A 81 18.84 -2.35 -7.28
C THR A 81 19.43 -2.68 -8.65
N ASP A 82 19.26 -3.92 -9.08
CA ASP A 82 19.81 -4.42 -10.34
C ASP A 82 18.92 -5.52 -10.90
N THR A 83 18.46 -5.34 -12.15
CA THR A 83 17.59 -6.34 -12.80
C THR A 83 18.24 -7.02 -14.02
N SER A 84 19.57 -7.03 -14.06
CA SER A 84 20.29 -7.61 -15.19
C SER A 84 20.00 -9.10 -15.40
N THR A 85 19.64 -9.79 -14.33
CA THR A 85 19.39 -11.23 -14.40
C THR A 85 17.97 -11.55 -14.88
N TRP A 86 17.14 -10.52 -15.01
CA TRP A 86 15.72 -10.74 -15.28
C TRP A 86 15.38 -11.17 -16.72
N GLY A 87 16.13 -10.71 -17.71
CA GLY A 87 15.87 -11.12 -19.09
C GLY A 87 14.45 -10.74 -19.50
N VAL A 88 13.77 -11.68 -20.16
CA VAL A 88 12.41 -11.42 -20.61
C VAL A 88 11.47 -11.15 -19.45
N ALA A 89 11.78 -11.69 -18.27
CA ALA A 89 10.96 -11.43 -17.09
C ALA A 89 10.94 -9.94 -16.73
N GLY A 90 12.04 -9.23 -17.00
CA GLY A 90 12.09 -7.79 -16.75
C GLY A 90 11.21 -7.05 -17.73
N ALA A 91 11.26 -7.42 -18.99
CA ALA A 91 10.38 -6.81 -19.98
C ALA A 91 8.92 -7.07 -19.64
N ASP A 92 8.60 -8.30 -19.24
CA ASP A 92 7.24 -8.62 -18.83
C ASP A 92 6.82 -7.84 -17.60
N ALA A 93 7.71 -7.74 -16.62
CA ALA A 93 7.41 -6.95 -15.43
C ALA A 93 7.12 -5.48 -15.76
N ARG A 94 7.93 -4.88 -16.64
CA ARG A 94 7.67 -3.50 -17.03
C ARG A 94 6.32 -3.35 -17.70
N GLN A 95 5.97 -4.29 -18.56
CA GLN A 95 4.68 -4.21 -19.26
C GLN A 95 3.55 -4.39 -18.25
N TYR A 96 3.72 -5.33 -17.32
CA TYR A 96 2.70 -5.59 -16.33
C TYR A 96 2.48 -4.38 -15.43
N ILE A 97 3.57 -3.80 -14.96
CA ILE A 97 3.49 -2.58 -14.15
C ILE A 97 2.74 -1.46 -14.89
N ARG A 98 3.07 -1.25 -16.17
CA ARG A 98 2.43 -0.21 -16.98
C ARG A 98 0.92 -0.48 -17.09
N THR A 99 0.58 -1.75 -17.29
CA THR A 99 -0.82 -2.15 -17.46
C THR A 99 -1.63 -1.94 -16.19
N VAL A 100 -1.08 -2.32 -15.05
CA VAL A 100 -1.76 -2.13 -13.77
C VAL A 100 -1.94 -0.63 -13.49
N LYS A 101 -0.91 0.17 -13.73
CA LYS A 101 -1.02 1.62 -13.53
C LYS A 101 -2.11 2.22 -14.40
N SER A 102 -2.15 1.80 -15.65
CA SER A 102 -3.17 2.29 -16.58
C SER A 102 -4.58 1.92 -16.08
N ALA A 103 -4.75 0.68 -15.65
CA ALA A 103 -6.01 0.21 -15.11
C ALA A 103 -6.44 1.01 -13.88
N LEU A 104 -5.49 1.30 -12.98
CA LEU A 104 -5.82 2.01 -11.74
C LEU A 104 -6.49 3.32 -12.02
N ASN A 105 -5.99 4.05 -13.01
CA ASN A 105 -6.55 5.36 -13.32
C ASN A 105 -7.97 5.30 -13.87
N LYS A 106 -8.45 4.10 -14.23
CA LYS A 106 -9.81 3.92 -14.73
C LYS A 106 -10.77 3.37 -13.66
N LEU A 107 -10.24 3.09 -12.47
CA LEU A 107 -11.04 2.48 -11.39
C LEU A 107 -11.45 3.55 -10.39
N PRO A 108 -12.50 3.27 -9.60
CA PRO A 108 -12.98 4.31 -8.68
C PRO A 108 -11.95 4.69 -7.63
N LYS A 109 -11.87 5.98 -7.29
CA LYS A 109 -11.08 6.41 -6.17
C LYS A 109 -11.73 6.02 -4.86
N TYR A 110 -10.89 5.77 -3.87
CA TYR A 110 -11.34 5.63 -2.49
C TYR A 110 -10.68 6.73 -1.68
N LYS A 111 -11.47 7.45 -0.88
CA LYS A 111 -10.92 8.39 0.08
C LYS A 111 -11.54 8.09 1.43
N GLY A 112 -10.73 8.19 2.46
CA GLY A 112 -11.09 7.77 3.79
C GLY A 112 -9.87 7.14 4.41
N THR A 113 -10.11 6.27 5.38
CA THR A 113 -9.02 5.64 6.11
C THR A 113 -8.78 4.21 5.65
N ALA A 114 -7.52 3.83 5.55
CA ALA A 114 -7.16 2.45 5.25
C ALA A 114 -5.93 2.07 6.05
N TYR A 115 -5.52 0.81 5.95
CA TYR A 115 -4.52 0.24 6.84
C TYR A 115 -3.53 -0.61 6.07
N ARG A 116 -2.30 -0.65 6.55
CA ARG A 116 -1.27 -1.48 5.97
C ARG A 116 -0.28 -1.86 7.05
N GLY A 117 0.22 -3.08 7.02
CA GLY A 117 1.27 -3.48 7.92
C GLY A 117 2.50 -3.76 7.11
N THR A 118 3.68 -3.39 7.62
CA THR A 118 4.91 -3.76 6.94
C THR A 118 6.07 -3.78 7.91
N TRP A 119 7.19 -4.32 7.47
CA TRP A 119 8.38 -4.36 8.29
C TRP A 119 9.28 -3.23 7.87
N VAL A 120 9.78 -2.48 8.86
CA VAL A 120 10.57 -1.30 8.59
C VAL A 120 11.88 -1.40 9.36
N LYS A 121 12.99 -0.95 8.77
CA LYS A 121 14.27 -0.93 9.46
C LYS A 121 14.24 -0.08 10.72
N LEU A 122 14.73 -0.62 11.82
CA LEU A 122 14.77 0.11 13.08
C LEU A 122 15.56 1.40 12.91
N SER A 123 16.60 1.34 12.10
CA SER A 123 17.46 2.51 11.88
C SER A 123 16.65 3.66 11.25
N LEU A 124 15.72 3.32 10.37
CA LEU A 124 14.82 4.31 9.76
C LEU A 124 13.82 4.77 10.81
N LEU A 125 13.18 3.84 11.50
CA LEU A 125 12.16 4.19 12.46
C LEU A 125 12.67 5.18 13.52
N ASN A 126 13.91 4.99 13.95
CA ASN A 126 14.51 5.85 14.98
C ASN A 126 14.64 7.32 14.54
N LYS A 127 14.65 7.57 13.23
CA LYS A 127 14.76 8.93 12.67
C LYS A 127 13.42 9.63 12.47
N LEU A 128 12.32 8.89 12.40
CA LEU A 128 11.08 9.45 11.91
C LEU A 128 10.42 10.37 12.90
N GLU A 129 9.86 11.46 12.34
CA GLU A 129 9.11 12.45 13.11
C GLU A 129 7.87 12.84 12.33
N GLU A 130 6.87 13.38 13.01
CA GLU A 130 5.75 14.02 12.33
C GLU A 130 6.27 15.00 11.28
N GLY A 131 5.61 14.98 10.14
CA GLY A 131 5.93 15.82 9.01
C GLY A 131 6.89 15.24 8.02
N ASP A 132 7.60 14.17 8.40
CA ASP A 132 8.48 13.49 7.48
C ASP A 132 7.63 12.78 6.45
N VAL A 133 8.20 12.51 5.29
CA VAL A 133 7.47 11.89 4.18
C VAL A 133 8.13 10.54 3.88
N LEU A 134 7.29 9.51 3.82
CA LEU A 134 7.69 8.16 3.45
C LEU A 134 7.31 7.88 2.01
N VAL A 135 8.27 7.38 1.23
CA VAL A 135 8.06 7.10 -0.19
C VAL A 135 8.13 5.59 -0.39
N GLU A 136 7.07 5.02 -0.94
CA GLU A 136 7.03 3.57 -1.16
C GLU A 136 7.41 3.28 -2.61
N PRO A 137 8.54 2.59 -2.83
CA PRO A 137 8.95 2.35 -4.22
C PRO A 137 8.05 1.33 -4.96
N ALA A 138 7.49 0.39 -4.21
CA ALA A 138 6.59 -0.62 -4.76
C ALA A 138 5.19 -0.04 -4.91
N PHE A 139 4.26 -0.82 -5.48
CA PHE A 139 2.86 -0.48 -5.35
C PHE A 139 2.56 -0.50 -3.86
N THR A 140 1.61 0.31 -3.43
CA THR A 140 1.16 0.27 -2.03
C THR A 140 -0.23 -0.31 -1.98
N SER A 141 -0.37 -1.44 -1.28
CA SER A 141 -1.66 -2.07 -1.06
C SER A 141 -2.12 -1.81 0.37
N THR A 142 -3.36 -1.34 0.51
CA THR A 142 -3.98 -1.12 1.80
C THR A 142 -5.33 -1.85 1.82
N SER A 143 -5.90 -1.97 3.01
CA SER A 143 -7.26 -2.48 3.16
C SER A 143 -8.02 -1.52 4.03
N THR A 144 -9.30 -1.35 3.79
CA THR A 144 -10.10 -0.54 4.70
C THR A 144 -10.35 -1.28 6.03
N LEU A 145 -10.00 -2.57 6.13
CA LEU A 145 -10.23 -3.36 7.33
C LEU A 145 -8.93 -3.59 8.09
N PRO A 146 -8.85 -3.11 9.33
CA PRO A 146 -7.59 -3.31 10.04
C PRO A 146 -7.22 -4.77 10.26
N GLU A 147 -8.21 -5.63 10.37
CA GLU A 147 -7.95 -7.07 10.54
C GLU A 147 -7.09 -7.61 9.41
N VAL A 148 -7.39 -7.16 8.20
CA VAL A 148 -6.70 -7.62 7.03
C VAL A 148 -5.28 -7.13 7.02
N ALA A 149 -5.06 -5.86 7.34
CA ALA A 149 -3.71 -5.35 7.44
C ALA A 149 -2.84 -6.07 8.46
N LYS A 150 -3.43 -6.41 9.61
CA LYS A 150 -2.66 -7.06 10.66
C LYS A 150 -2.17 -8.44 10.16
N ARG A 151 -2.96 -9.10 9.32
CA ARG A 151 -2.60 -10.45 8.85
C ARG A 151 -1.27 -10.54 8.14
N PHE A 152 -0.89 -9.50 7.42
CA PHE A 152 0.19 -9.62 6.43
C PHE A 152 1.54 -9.25 6.98
N SER A 153 1.60 -8.96 8.26
CA SER A 153 2.87 -8.57 8.87
C SER A 153 3.20 -9.37 10.13
N VAL A 154 2.63 -10.55 10.28
CA VAL A 154 2.92 -11.33 11.48
C VAL A 154 4.35 -11.88 11.54
N VAL A 155 4.83 -12.46 10.45
CA VAL A 155 6.12 -13.17 10.47
C VAL A 155 7.34 -12.31 10.08
N HIS A 156 8.47 -12.61 10.74
CA HIS A 156 9.71 -11.84 10.66
C HIS A 156 10.66 -12.28 9.52
N PRO A 157 10.90 -11.42 8.51
CA PRO A 157 11.83 -11.72 7.41
C PRO A 157 13.28 -11.95 7.86
N ASN A 158 14.06 -12.70 7.06
CA ASN A 158 15.51 -12.79 7.28
C ASN A 158 16.15 -11.49 6.88
N SER A 159 16.82 -10.85 7.82
CA SER A 159 17.52 -9.59 7.56
C SER A 159 18.74 -9.48 8.47
N PRO A 160 19.82 -8.87 7.96
CA PRO A 160 21.00 -8.58 8.78
C PRO A 160 20.82 -7.32 9.63
N GLN A 161 19.77 -6.57 9.33
CA GLN A 161 19.46 -5.32 10.01
C GLN A 161 18.17 -5.57 10.81
N ARG A 162 18.04 -4.98 12.00
CA ARG A 162 16.83 -5.16 12.79
C ARG A 162 15.64 -4.52 12.08
N LEU A 163 14.56 -5.29 11.94
CA LEU A 163 13.30 -4.79 11.40
C LEU A 163 12.25 -4.79 12.49
N LYS A 164 11.32 -3.85 12.40
CA LYS A 164 10.20 -3.76 13.34
C LYS A 164 8.90 -3.75 12.56
N ARG A 165 7.91 -4.40 13.15
CA ARG A 165 6.56 -4.43 12.59
C ARG A 165 5.91 -3.08 12.81
N VAL A 166 5.44 -2.50 11.72
CA VAL A 166 4.75 -1.23 11.80
C VAL A 166 3.34 -1.37 11.22
N LEU A 167 2.36 -0.87 11.96
CA LEU A 167 1.02 -0.76 11.41
C LEU A 167 0.72 0.68 11.09
N PHE A 168 0.37 0.92 9.83
CA PHE A 168 0.01 2.23 9.33
C PHE A 168 -1.49 2.46 9.29
N GLU A 169 -1.92 3.60 9.77
CA GLU A 169 -3.27 4.13 9.59
C GLU A 169 -3.15 5.25 8.57
N VAL A 170 -3.70 5.03 7.39
CA VAL A 170 -3.51 5.88 6.22
C VAL A 170 -4.76 6.70 5.96
N LYS A 171 -4.65 8.03 6.05
CA LYS A 171 -5.71 8.91 5.60
C LYS A 171 -5.49 9.15 4.13
N ILE A 172 -6.42 8.67 3.31
CA ILE A 172 -6.32 8.74 1.87
C ILE A 172 -7.18 9.89 1.35
N ASN A 173 -6.55 10.89 0.75
CA ASN A 173 -7.26 11.98 0.10
C ASN A 173 -6.89 12.14 -1.37
N GLN A 174 -6.12 11.20 -1.90
CA GLN A 174 -5.67 11.17 -3.28
C GLN A 174 -4.92 9.87 -3.50
N GLY A 175 -4.81 9.47 -4.76
CA GLY A 175 -3.92 8.41 -5.17
C GLY A 175 -4.47 7.00 -5.05
N GLY A 176 -5.36 6.73 -4.10
CA GLY A 176 -5.89 5.39 -3.88
C GLY A 176 -7.07 5.04 -4.73
N HIS A 177 -7.02 3.85 -5.32
CA HIS A 177 -8.14 3.35 -6.11
C HIS A 177 -8.58 1.99 -5.60
N THR A 178 -9.88 1.78 -5.50
CA THR A 178 -10.35 0.46 -5.12
C THR A 178 -10.20 -0.52 -6.27
N ILE A 179 -9.60 -1.67 -5.98
CA ILE A 179 -9.60 -2.79 -6.93
C ILE A 179 -10.55 -3.90 -6.52
N ALA A 180 -11.33 -3.68 -5.47
CA ALA A 180 -12.20 -4.71 -4.92
C ALA A 180 -13.34 -5.11 -5.84
N GLY A 181 -13.68 -4.23 -6.79
CA GLY A 181 -14.70 -4.54 -7.77
C GLY A 181 -14.22 -5.51 -8.83
N LEU A 182 -12.90 -5.68 -8.97
CA LEU A 182 -12.32 -6.63 -9.94
C LEU A 182 -11.70 -7.86 -9.27
N SER A 183 -11.55 -7.84 -7.95
CA SER A 183 -10.90 -8.92 -7.21
C SER A 183 -11.92 -9.85 -6.57
N LYS A 187 -7.27 -10.41 -1.30
CA LYS A 187 -7.29 -9.52 -0.14
C LYS A 187 -8.55 -8.63 -0.07
N GLU A 188 -9.12 -8.54 1.13
CA GLU A 188 -10.40 -7.90 1.35
C GLU A 188 -10.28 -6.40 1.34
N ALA A 189 -11.27 -5.78 0.71
CA ALA A 189 -11.40 -4.33 0.71
C ALA A 189 -10.11 -3.60 0.34
N GLU A 190 -9.52 -4.02 -0.78
CA GLU A 190 -8.21 -3.57 -1.18
C GLU A 190 -8.22 -2.26 -1.97
N VAL A 191 -7.40 -1.33 -1.52
CA VAL A 191 -7.21 -0.01 -2.15
C VAL A 191 -5.74 0.09 -2.51
N LEU A 192 -5.44 0.32 -3.79
CA LEU A 192 -4.08 0.27 -4.31
C LEU A 192 -3.63 1.64 -4.76
N PHE A 193 -2.33 1.89 -4.60
CA PHE A 193 -1.63 3.05 -5.12
C PHE A 193 -0.57 2.62 -6.11
N ALA A 194 -0.38 3.43 -7.15
CA ALA A 194 0.72 3.29 -8.08
C ALA A 194 2.05 3.43 -7.35
N PRO A 195 3.13 2.96 -7.96
CA PRO A 195 4.44 3.03 -7.31
C PRO A 195 4.88 4.45 -6.99
N ASN A 196 5.76 4.58 -6.00
CA ASN A 196 6.34 5.87 -5.59
C ASN A 196 5.35 6.77 -4.88
N ALA A 197 4.34 6.19 -4.23
CA ALA A 197 3.40 6.99 -3.46
C ALA A 197 4.10 7.61 -2.25
N HIS A 198 3.70 8.84 -1.92
CA HIS A 198 4.28 9.58 -0.81
C HIS A 198 3.24 9.71 0.31
N PHE A 199 3.69 9.54 1.54
CA PHE A 199 2.83 9.58 2.72
C PHE A 199 3.48 10.41 3.80
N ARG A 200 2.79 11.46 4.24
CA ARG A 200 3.31 12.34 5.28
C ARG A 200 2.89 11.85 6.67
N ILE A 201 3.85 11.72 7.59
CA ILE A 201 3.58 11.27 8.94
C ILE A 201 2.79 12.32 9.71
N THR A 202 1.66 11.93 10.29
CA THR A 202 0.86 12.81 11.12
C THR A 202 0.93 12.48 12.60
N GLN A 203 1.28 11.24 12.98
CA GLN A 203 1.38 10.82 14.37
C GLN A 203 2.16 9.54 14.45
N ILE A 204 2.92 9.39 15.54
CA ILE A 204 3.66 8.16 15.79
C ILE A 204 3.38 7.74 17.21
N GLU A 205 3.09 6.45 17.40
CA GLU A 205 3.01 5.86 18.73
C GLU A 205 3.98 4.70 18.79
N ARG A 206 5.04 4.88 19.56
N ARG A 206 5.02 4.88 19.59
CA ARG A 206 6.02 3.83 19.80
CA ARG A 206 6.00 3.83 19.81
C ARG A 206 5.92 3.44 21.25
C ARG A 206 5.94 3.44 21.27
N THR A 207 5.71 2.16 21.50
CA THR A 207 5.79 1.65 22.86
C THR A 207 6.77 0.51 22.77
N SER A 208 7.05 -0.09 23.92
CA SER A 208 7.95 -1.22 23.91
C SER A 208 7.35 -2.36 23.10
N ASN A 209 6.02 -2.39 22.97
CA ASN A 209 5.31 -3.50 22.32
C ASN A 209 5.00 -3.32 20.83
N HIS A 210 4.79 -2.09 20.40
CA HIS A 210 4.33 -1.88 19.03
C HIS A 210 4.74 -0.53 18.49
N THR A 211 4.62 -0.39 17.19
CA THR A 211 4.83 0.90 16.53
C THR A 211 3.68 1.14 15.57
N TYR A 212 2.93 2.21 15.80
CA TYR A 212 1.85 2.60 14.92
C TYR A 212 2.17 3.97 14.34
N ILE A 213 1.92 4.13 13.05
CA ILE A 213 2.22 5.39 12.40
C ILE A 213 1.01 5.82 11.63
N GLY A 214 0.54 7.03 11.89
CA GLY A 214 -0.48 7.63 11.09
C GLY A 214 0.12 8.45 9.98
N VAL A 215 -0.39 8.29 8.76
CA VAL A 215 0.12 9.02 7.61
C VAL A 215 -1.04 9.52 6.77
N GLU A 216 -0.78 10.58 6.01
CA GLU A 216 -1.73 11.11 5.03
C GLU A 216 -1.08 11.12 3.65
N THR A 217 -1.84 10.71 2.63
CA THR A 217 -1.37 10.79 1.27
C THR A 217 -1.02 12.24 0.91
N VAL A 218 0.13 12.42 0.24
CA VAL A 218 0.52 13.74 -0.27
C VAL A 218 1.06 13.60 -1.67
N LYS A 219 0.95 14.66 -2.45
CA LYS A 219 1.52 14.70 -3.78
C LYS A 219 3.00 14.98 -3.68
N ALA A 220 3.80 14.24 -4.43
CA ALA A 220 5.25 14.43 -4.38
C ALA A 220 5.69 15.84 -4.70
N SER A 221 5.04 16.45 -5.68
CA SER A 221 5.42 17.80 -6.10
C SER A 221 5.07 18.86 -5.04
N ALA A 222 4.21 18.52 -4.09
CA ALA A 222 3.80 19.45 -3.02
C ALA A 222 4.68 19.33 -1.78
N VAL A 223 5.57 18.34 -1.77
CA VAL A 223 6.42 18.09 -0.61
C VAL A 223 7.56 19.12 -0.63
N LYS A 224 7.66 19.92 0.42
CA LYS A 224 8.63 21.04 0.48
C LYS A 224 9.26 21.20 1.88
N ASN A 225 10.58 21.33 1.92
CA ASN A 225 11.31 21.62 3.16
C ASN A 225 11.06 20.61 4.26
N THR A 226 10.97 19.34 3.88
CA THR A 226 10.89 18.28 4.88
C THR A 226 11.91 17.24 4.51
N GLN A 227 11.91 16.12 5.21
CA GLN A 227 12.79 15.03 4.90
C GLN A 227 11.95 13.89 4.36
N LYS A 228 12.36 13.39 3.19
CA LYS A 228 11.76 12.23 2.57
C LYS A 228 12.67 11.03 2.75
N TYR A 229 12.04 9.89 2.99
CA TYR A 229 12.76 8.62 3.12
C TYR A 229 12.11 7.54 2.28
N ASN A 230 12.94 6.68 1.71
CA ASN A 230 12.47 5.46 1.03
C ASN A 230 12.10 4.48 2.11
N LEU A 231 10.84 4.06 2.13
CA LEU A 231 10.31 3.25 3.22
C LEU A 231 10.94 1.86 3.25
N TYR A 232 11.37 1.37 2.09
CA TYR A 232 11.94 0.04 2.01
C TYR A 232 13.43 0.07 2.33
N SER A 233 14.20 0.96 1.70
CA SER A 233 15.65 0.95 1.89
C SER A 233 16.09 1.73 3.12
N GLY A 234 15.25 2.65 3.56
CA GLY A 234 15.62 3.55 4.63
C GLY A 234 16.41 4.77 4.18
N GLU A 235 16.74 4.84 2.91
CA GLU A 235 17.61 5.93 2.47
C GLU A 235 16.87 7.24 2.33
N GLU A 236 17.55 8.36 2.62
CA GLU A 236 16.96 9.64 2.31
C GLU A 236 16.73 9.77 0.83
N VAL A 237 15.66 10.45 0.47
CA VAL A 237 15.33 10.73 -0.92
C VAL A 237 15.51 12.21 -1.09
N GLU A 238 16.11 12.59 -2.21
CA GLU A 238 16.33 14.00 -2.54
C GLU A 238 17.57 14.53 -1.83
#